data_5XMY
#
_entry.id   5XMY
#
_cell.length_a   26.982
_cell.length_b   48.096
_cell.length_c   52.700
_cell.angle_alpha   90.000
_cell.angle_beta   98.160
_cell.angle_gamma   90.000
#
_symmetry.space_group_name_H-M   'P 1 21 1'
#
loop_
_entity.id
_entity.type
_entity.pdbx_description
1 polymer 'Transcription initiation factor TFIID subunit 3'
2 polymer 'Histone peptide H3(1-15)K4me3Q5ser'
3 non-polymer 'ZINC ION'
4 water water
#
loop_
_entity_poly.entity_id
_entity_poly.type
_entity_poly.pdbx_seq_one_letter_code
_entity_poly.pdbx_strand_id
1 'polypeptide(L)' SMYVIRDEWGNQIWICPGCNKPDDGSPMIGCDDCDDWYHWPCVGIMTAPPEEMQWFCPKCANK A,C
2 'polypeptide(L)' ART(M3L)QTA P,D
#
loop_
_chem_comp.id
_chem_comp.type
_chem_comp.name
_chem_comp.formula
ZN non-polymer 'ZINC ION' 'Zn 2'
#
# COMPACT_ATOMS: atom_id res chain seq x y z
N SER A 1 -21.64 -0.56 6.68
CA SER A 1 -20.67 -1.23 5.83
C SER A 1 -19.25 -0.98 6.32
N MET A 2 -18.30 -1.71 5.75
CA MET A 2 -16.91 -1.58 6.18
C MET A 2 -16.04 -2.01 5.01
N TYR A 3 -15.33 -1.06 4.41
CA TYR A 3 -14.57 -1.33 3.20
C TYR A 3 -13.08 -1.14 3.40
N VAL A 4 -12.56 -1.29 4.62
CA VAL A 4 -11.12 -1.17 4.86
C VAL A 4 -10.61 -2.46 5.48
N ILE A 5 -9.61 -3.06 4.84
CA ILE A 5 -8.98 -4.25 5.35
C ILE A 5 -7.62 -3.87 5.90
N ARG A 6 -7.10 -4.68 6.81
CA ARG A 6 -5.74 -4.51 7.31
C ARG A 6 -4.90 -5.71 6.93
N ASP A 7 -3.68 -5.48 6.42
CA ASP A 7 -2.82 -6.60 6.10
C ASP A 7 -2.00 -6.99 7.33
N GLU A 8 -1.13 -8.00 7.19
CA GLU A 8 -0.43 -8.49 8.35
C GLU A 8 0.60 -7.51 8.89
N TRP A 9 0.89 -6.44 8.14
CA TRP A 9 1.78 -5.39 8.57
C TRP A 9 1.05 -4.26 9.29
N GLY A 10 -0.26 -4.34 9.41
CA GLY A 10 -1.04 -3.30 10.03
C GLY A 10 -1.45 -2.16 9.12
N ASN A 11 -1.15 -2.23 7.83
CA ASN A 11 -1.54 -1.16 6.95
C ASN A 11 -2.98 -1.31 6.54
N GLN A 12 -3.62 -0.17 6.28
CA GLN A 12 -5.02 -0.12 5.88
C GLN A 12 -5.06 -0.17 4.37
N ILE A 13 -5.93 -1.02 3.82
CA ILE A 13 -6.11 -1.13 2.38
C ILE A 13 -7.57 -0.86 2.09
N TRP A 14 -7.84 0.18 1.30
CA TRP A 14 -9.22 0.53 0.98
C TRP A 14 -9.74 -0.34 -0.15
N ILE A 15 -11.01 -0.74 -0.04
CA ILE A 15 -11.69 -1.53 -1.05
C ILE A 15 -12.75 -0.65 -1.72
N CYS A 16 -12.80 -0.69 -3.04
CA CYS A 16 -13.80 0.05 -3.81
C CYS A 16 -15.17 -0.61 -3.70
N PRO A 17 -16.20 0.09 -3.22
CA PRO A 17 -17.54 -0.52 -3.12
C PRO A 17 -18.17 -0.83 -4.46
N GLY A 18 -17.70 -0.23 -5.54
CA GLY A 18 -18.29 -0.49 -6.83
C GLY A 18 -17.94 -1.87 -7.36
N CYS A 19 -16.71 -2.32 -7.12
CA CYS A 19 -16.22 -3.59 -7.66
C CYS A 19 -15.71 -4.57 -6.61
N ASN A 20 -15.69 -4.18 -5.34
CA ASN A 20 -15.17 -4.97 -4.23
C ASN A 20 -13.70 -5.39 -4.42
N LYS A 21 -12.93 -4.64 -5.21
CA LYS A 21 -11.50 -4.84 -5.41
C LYS A 21 -10.69 -3.74 -4.70
N PRO A 22 -9.46 -4.03 -4.30
CA PRO A 22 -8.67 -3.04 -3.56
C PRO A 22 -8.16 -1.90 -4.43
N ASP A 23 -7.82 -0.82 -3.74
CA ASP A 23 -6.91 0.21 -4.24
C ASP A 23 -5.66 -0.45 -4.81
N ASP A 24 -5.30 -0.09 -6.05
CA ASP A 24 -4.09 -0.63 -6.67
C ASP A 24 -3.22 0.49 -7.23
N GLY A 25 -3.34 1.69 -6.68
CA GLY A 25 -2.60 2.83 -7.15
C GLY A 25 -3.24 3.58 -8.30
N SER A 26 -4.13 2.93 -9.06
CA SER A 26 -4.88 3.65 -10.08
C SER A 26 -5.79 4.69 -9.43
N PRO A 27 -6.24 5.69 -10.19
CA PRO A 27 -6.92 6.84 -9.56
C PRO A 27 -8.20 6.44 -8.84
N MET A 28 -8.38 7.01 -7.65
CA MET A 28 -9.59 6.84 -6.87
C MET A 28 -10.12 8.21 -6.47
N ILE A 29 -11.37 8.23 -6.02
CA ILE A 29 -12.05 9.44 -5.58
C ILE A 29 -12.83 9.11 -4.30
N GLY A 30 -12.83 10.05 -3.36
CA GLY A 30 -13.39 9.84 -2.05
C GLY A 30 -14.73 10.55 -1.90
N CYS A 31 -15.70 9.82 -1.37
CA CYS A 31 -17.04 10.37 -1.20
C CYS A 31 -17.08 11.36 -0.04
N ASP A 32 -17.56 12.57 -0.30
CA ASP A 32 -17.57 13.62 0.72
C ASP A 32 -18.72 13.51 1.69
N ASP A 33 -19.51 12.43 1.60
CA ASP A 33 -20.51 12.09 2.59
C ASP A 33 -20.00 10.91 3.42
N CYS A 34 -19.95 9.72 2.81
CA CYS A 34 -19.65 8.49 3.55
C CYS A 34 -18.17 8.19 3.72
N ASP A 35 -17.30 8.80 2.92
CA ASP A 35 -15.83 8.69 2.94
C ASP A 35 -15.31 7.36 2.39
N ASP A 36 -16.14 6.55 1.74
CA ASP A 36 -15.60 5.44 0.96
C ASP A 36 -14.86 5.95 -0.27
N TRP A 37 -13.90 5.17 -0.74
CA TRP A 37 -13.09 5.51 -1.90
C TRP A 37 -13.40 4.58 -3.06
N TYR A 38 -13.54 5.15 -4.25
CA TYR A 38 -13.91 4.43 -5.46
C TYR A 38 -12.88 4.61 -6.55
N HIS A 39 -12.68 3.55 -7.34
CA HIS A 39 -11.94 3.68 -8.60
C HIS A 39 -12.69 4.61 -9.53
N TRP A 40 -11.95 5.50 -10.20
CA TRP A 40 -12.59 6.40 -11.16
C TRP A 40 -13.48 5.68 -12.16
N PRO A 41 -13.01 4.66 -12.90
CA PRO A 41 -13.92 4.04 -13.88
C PRO A 41 -15.17 3.45 -13.25
N CYS A 42 -15.07 2.99 -12.00
CA CYS A 42 -16.20 2.38 -11.32
C CYS A 42 -17.33 3.36 -11.06
N VAL A 43 -17.07 4.66 -11.12
CA VAL A 43 -18.10 5.67 -10.90
C VAL A 43 -18.14 6.64 -12.07
N GLY A 44 -17.61 6.22 -13.22
CA GLY A 44 -17.75 7.02 -14.41
C GLY A 44 -16.99 8.32 -14.41
N ILE A 45 -15.98 8.45 -13.56
CA ILE A 45 -15.13 9.64 -13.51
C ILE A 45 -14.02 9.45 -14.53
N MET A 46 -13.90 10.38 -15.48
CA MET A 46 -12.96 10.23 -16.57
C MET A 46 -11.76 11.16 -16.45
N THR A 47 -11.84 12.15 -15.55
CA THR A 47 -10.72 13.03 -15.26
C THR A 47 -11.00 13.67 -13.92
N ALA A 48 -9.97 14.25 -13.32
CA ALA A 48 -10.14 14.82 -11.99
C ALA A 48 -11.20 15.92 -12.04
N PRO A 49 -12.21 15.88 -11.18
CA PRO A 49 -13.18 16.99 -11.12
C PRO A 49 -12.50 18.29 -10.74
N PRO A 50 -13.20 19.42 -10.82
CA PRO A 50 -12.65 20.67 -10.27
C PRO A 50 -12.30 20.50 -8.79
N GLU A 51 -11.18 21.10 -8.39
CA GLU A 51 -10.70 20.95 -7.02
C GLU A 51 -11.75 21.37 -6.00
N GLU A 52 -12.58 22.35 -6.34
CA GLU A 52 -13.58 22.88 -5.43
C GLU A 52 -14.84 22.03 -5.37
N MET A 53 -15.08 21.19 -6.38
CA MET A 53 -16.32 20.44 -6.46
C MET A 53 -16.28 19.26 -5.50
N GLN A 54 -17.29 19.16 -4.62
CA GLN A 54 -17.45 17.96 -3.82
C GLN A 54 -17.97 16.82 -4.69
N TRP A 55 -17.67 15.58 -4.28
CA TRP A 55 -18.13 14.44 -5.03
C TRP A 55 -18.81 13.48 -4.06
N PHE A 56 -19.95 12.94 -4.48
CA PHE A 56 -20.67 11.96 -3.69
C PHE A 56 -20.90 10.70 -4.50
N CYS A 57 -20.75 9.55 -3.84
CA CYS A 57 -20.85 8.26 -4.51
C CYS A 57 -22.31 7.98 -4.85
N PRO A 58 -22.56 7.00 -5.71
CA PRO A 58 -23.95 6.69 -6.09
C PRO A 58 -24.89 6.43 -4.92
N LYS A 59 -24.42 5.69 -3.91
CA LYS A 59 -25.25 5.41 -2.74
C LYS A 59 -25.68 6.69 -2.05
N CYS A 60 -24.74 7.60 -1.78
CA CYS A 60 -25.07 8.81 -1.04
C CYS A 60 -25.82 9.82 -1.89
N ALA A 61 -25.55 9.83 -3.20
CA ALA A 61 -26.12 10.85 -4.07
C ALA A 61 -27.64 10.78 -4.07
N ASN A 62 -28.19 9.58 -3.87
CA ASN A 62 -29.62 9.37 -3.73
C ASN A 62 -30.09 9.51 -2.28
N LYS A 63 -29.28 10.09 -1.41
CA LYS A 63 -29.67 10.29 -0.01
C LYS A 63 -29.74 11.78 0.33
N ALA B 1 -12.57 17.88 -5.89
CA ALA B 1 -12.89 16.66 -5.12
C ALA B 1 -11.60 16.08 -4.52
N ARG B 2 -11.74 15.05 -3.69
CA ARG B 2 -10.58 14.38 -3.13
C ARG B 2 -10.23 13.18 -4.00
N THR B 3 -9.04 13.21 -4.61
CA THR B 3 -8.62 12.14 -5.50
C THR B 3 -7.22 11.69 -5.11
N M3L B 4 -6.87 10.46 -5.47
CA M3L B 4 -5.54 9.98 -5.23
CB M3L B 4 -5.40 9.23 -3.90
CG M3L B 4 -6.32 8.03 -3.86
CD M3L B 4 -5.89 6.97 -2.86
CE M3L B 4 -6.77 7.10 -1.63
NZ M3L B 4 -6.72 6.06 -0.53
C M3L B 4 -5.12 9.05 -6.35
O M3L B 4 -5.93 8.45 -7.06
CM1 M3L B 4 -7.25 6.64 0.74
CM2 M3L B 4 -5.35 5.52 -0.27
CM3 M3L B 4 -7.57 4.87 -0.90
N GLN B 5 -3.80 8.98 -6.53
CA GLN B 5 -3.22 8.01 -7.42
C GLN B 5 -1.82 7.82 -6.88
N THR B 6 -1.49 6.56 -6.59
CA THR B 6 -0.32 6.26 -5.80
C THR B 6 0.75 5.63 -6.68
N ALA B 7 0.36 4.61 -7.44
CA ALA B 7 1.27 3.98 -8.38
C ALA B 7 1.52 4.90 -9.57
N SER C 1 11.79 -0.92 12.36
CA SER C 1 12.66 -0.49 11.26
C SER C 1 13.04 0.98 11.42
N MET C 2 14.14 1.38 10.79
CA MET C 2 14.43 2.80 10.65
C MET C 2 14.16 3.33 9.26
N TYR C 3 14.40 2.52 8.23
CA TYR C 3 14.04 2.90 6.86
C TYR C 3 12.56 2.61 6.63
N VAL C 4 11.74 3.39 7.33
CA VAL C 4 10.30 3.35 7.17
C VAL C 4 9.77 4.79 7.31
N ILE C 5 8.75 5.11 6.54
CA ILE C 5 8.08 6.41 6.63
C ILE C 5 6.62 6.12 6.89
N ARG C 6 5.89 7.16 7.34
CA ARG C 6 4.45 7.04 7.48
C ARG C 6 3.83 8.05 6.53
N ASP C 7 2.91 7.58 5.67
CA ASP C 7 2.42 8.40 4.58
C ASP C 7 1.15 9.14 4.99
N GLU C 8 0.59 9.92 4.06
CA GLU C 8 -0.53 10.76 4.44
C GLU C 8 -1.78 9.95 4.77
N TRP C 9 -1.80 8.66 4.43
CA TRP C 9 -2.94 7.80 4.70
C TRP C 9 -2.79 7.03 5.99
N GLY C 10 -1.69 7.23 6.71
CA GLY C 10 -1.46 6.55 7.96
C GLY C 10 -0.76 5.23 7.82
N ASN C 11 -0.30 4.90 6.62
CA ASN C 11 0.33 3.60 6.37
C ASN C 11 1.84 3.72 6.41
N GLN C 12 2.48 2.62 6.78
CA GLN C 12 3.93 2.56 6.80
C GLN C 12 4.44 2.09 5.44
N ILE C 13 5.55 2.70 5.01
CA ILE C 13 6.21 2.33 3.76
C ILE C 13 7.68 2.13 4.09
N TRP C 14 8.18 0.93 3.84
CA TRP C 14 9.58 0.62 4.14
C TRP C 14 10.47 0.94 2.97
N ILE C 15 11.70 1.39 3.28
CA ILE C 15 12.74 1.70 2.30
C ILE C 15 13.86 0.67 2.43
N CYS C 16 14.31 0.14 1.31
CA CYS C 16 15.44 -0.81 1.26
C CYS C 16 16.73 -0.09 1.64
N PRO C 17 17.34 -0.38 2.80
CA PRO C 17 18.60 0.29 3.13
C PRO C 17 19.74 -0.07 2.19
N GLY C 18 19.57 -1.09 1.36
CA GLY C 18 20.61 -1.45 0.42
C GLY C 18 20.70 -0.49 -0.75
N CYS C 19 19.56 -0.07 -1.28
CA CYS C 19 19.52 0.76 -2.47
C CYS C 19 18.85 2.12 -2.28
N ASN C 20 18.20 2.35 -1.13
CA ASN C 20 17.47 3.59 -0.88
C ASN C 20 16.35 3.80 -1.90
N LYS C 21 15.51 2.79 -2.05
CA LYS C 21 14.32 2.84 -2.88
C LYS C 21 13.21 2.11 -2.13
N PRO C 22 11.97 2.59 -2.22
CA PRO C 22 10.89 1.99 -1.41
C PRO C 22 10.58 0.56 -1.79
N ASP C 23 9.91 -0.11 -0.86
CA ASP C 23 9.19 -1.34 -1.14
C ASP C 23 8.25 -1.12 -2.31
N ASP C 24 8.39 -1.96 -3.34
CA ASP C 24 7.62 -1.84 -4.57
C ASP C 24 6.83 -3.10 -4.89
N GLY C 25 6.63 -3.99 -3.90
CA GLY C 25 5.96 -5.24 -4.13
C GLY C 25 6.84 -6.35 -4.62
N SER C 26 8.06 -6.04 -5.10
CA SER C 26 9.01 -7.08 -5.42
C SER C 26 9.46 -7.77 -4.13
N PRO C 27 10.05 -8.96 -4.23
CA PRO C 27 10.39 -9.73 -3.02
C PRO C 27 11.29 -8.97 -2.06
N MET C 28 10.95 -9.03 -0.78
CA MET C 28 11.74 -8.44 0.29
C MET C 28 11.90 -9.42 1.43
N ILE C 29 12.93 -9.19 2.25
CA ILE C 29 13.24 -10.04 3.39
C ILE C 29 13.52 -9.13 4.59
N GLY C 30 13.07 -9.56 5.76
CA GLY C 30 13.14 -8.72 6.95
C GLY C 30 14.29 -9.15 7.85
N CYS C 31 15.09 -8.18 8.27
CA CYS C 31 16.16 -8.48 9.21
C CYS C 31 15.56 -8.84 10.57
N ASP C 32 15.99 -9.97 11.13
CA ASP C 32 15.50 -10.41 12.42
C ASP C 32 16.22 -9.75 13.59
N ASP C 33 17.01 -8.71 13.31
CA ASP C 33 17.66 -7.92 14.33
C ASP C 33 17.15 -6.47 14.33
N CYS C 34 17.36 -5.72 13.25
CA CYS C 34 16.97 -4.32 13.21
C CYS C 34 15.60 -4.08 12.57
N ASP C 35 15.01 -5.10 11.95
CA ASP C 35 13.67 -5.08 11.35
C ASP C 35 13.60 -4.21 10.10
N ASP C 36 14.73 -3.87 9.49
CA ASP C 36 14.67 -3.28 8.17
C ASP C 36 14.35 -4.36 7.13
N TRP C 37 13.82 -3.91 6.01
CA TRP C 37 13.40 -4.81 4.94
C TRP C 37 14.19 -4.46 3.69
N TYR C 38 14.75 -5.49 3.04
CA TYR C 38 15.61 -5.35 1.88
C TYR C 38 15.01 -6.07 0.68
N HIS C 39 15.13 -5.47 -0.50
CA HIS C 39 14.90 -6.21 -1.73
C HIS C 39 15.83 -7.41 -1.78
N TRP C 40 15.29 -8.55 -2.22
CA TRP C 40 16.12 -9.75 -2.39
C TRP C 40 17.37 -9.49 -3.21
N PRO C 41 17.31 -8.84 -4.38
CA PRO C 41 18.55 -8.62 -5.14
C PRO C 41 19.60 -7.81 -4.41
N CYS C 42 19.18 -6.89 -3.53
CA CYS C 42 20.12 -6.01 -2.85
C CYS C 42 20.89 -6.71 -1.74
N VAL C 43 20.62 -7.98 -1.46
CA VAL C 43 21.35 -8.73 -0.44
C VAL C 43 21.74 -10.08 -0.99
N GLY C 44 21.80 -10.19 -2.33
CA GLY C 44 22.30 -11.39 -2.98
C GLY C 44 21.43 -12.62 -2.82
N ILE C 45 20.13 -12.43 -2.59
CA ILE C 45 19.23 -13.54 -2.37
C ILE C 45 18.47 -13.80 -3.66
N MET C 46 18.56 -15.04 -4.14
CA MET C 46 17.90 -15.48 -5.37
C MET C 46 16.64 -16.31 -5.09
N THR C 47 16.60 -17.01 -3.96
CA THR C 47 15.43 -17.76 -3.54
C THR C 47 15.29 -17.63 -2.02
N ALA C 48 14.06 -17.76 -1.54
CA ALA C 48 13.81 -17.62 -0.11
C ALA C 48 14.63 -18.65 0.67
N PRO C 49 15.22 -18.26 1.79
CA PRO C 49 15.85 -19.24 2.69
C PRO C 49 14.80 -20.17 3.27
N PRO C 50 15.22 -21.26 3.90
CA PRO C 50 14.26 -22.10 4.63
C PRO C 50 13.45 -21.28 5.60
N GLU C 51 12.15 -21.58 5.66
CA GLU C 51 11.28 -20.83 6.57
C GLU C 51 11.76 -20.94 8.00
N GLU C 52 12.48 -22.00 8.34
CA GLU C 52 12.99 -22.17 9.70
C GLU C 52 14.22 -21.32 10.00
N MET C 53 14.86 -20.75 8.98
CA MET C 53 16.07 -19.97 9.18
C MET C 53 15.74 -18.51 9.47
N GLN C 54 16.49 -17.91 10.39
CA GLN C 54 16.48 -16.47 10.52
C GLN C 54 17.38 -15.85 9.45
N TRP C 55 17.20 -14.55 9.22
CA TRP C 55 18.04 -13.84 8.28
C TRP C 55 18.44 -12.51 8.91
N PHE C 56 19.72 -12.16 8.76
CA PHE C 56 20.26 -10.91 9.30
C PHE C 56 20.90 -10.11 8.18
N CYS C 57 20.69 -8.80 8.23
CA CYS C 57 21.09 -7.90 7.15
C CYS C 57 22.60 -7.66 7.24
N PRO C 58 23.21 -7.07 6.21
CA PRO C 58 24.66 -6.87 6.25
C PRO C 58 25.12 -6.03 7.44
N LYS C 59 24.30 -5.08 7.89
CA LYS C 59 24.66 -4.21 9.00
C LYS C 59 24.46 -4.88 10.37
N CYS C 60 24.07 -6.15 10.41
CA CYS C 60 23.82 -6.85 11.67
C CYS C 60 24.47 -8.22 11.77
N ALA C 61 24.98 -8.78 10.68
CA ALA C 61 25.62 -10.08 10.72
C ALA C 61 27.14 -9.95 10.75
N ALA D 1 12.78 -17.58 7.04
CA ALA D 1 12.94 -16.15 7.29
C ALA D 1 11.63 -15.46 6.98
N ARG D 2 11.53 -14.19 7.35
CA ARG D 2 10.33 -13.41 7.08
C ARG D 2 10.50 -12.71 5.73
N THR D 3 9.66 -13.09 4.77
CA THR D 3 9.73 -12.54 3.42
C THR D 3 8.38 -11.97 3.04
N M3L D 4 8.37 -11.11 2.03
CA M3L D 4 7.15 -10.54 1.49
CB M3L D 4 6.73 -9.23 2.17
CG M3L D 4 7.67 -8.10 1.83
CD M3L D 4 7.08 -6.72 2.16
CE M3L D 4 7.07 -6.56 3.67
NZ M3L D 4 6.87 -5.19 4.29
C M3L D 4 7.30 -10.30 0.00
O M3L D 4 8.38 -10.03 -0.54
CM1 M3L D 4 6.92 -5.27 5.78
CM2 M3L D 4 5.56 -4.63 3.87
CM3 M3L D 4 7.97 -4.29 3.84
N GLN D 5 6.18 -10.42 -0.69
CA GLN D 5 6.08 -10.09 -2.11
C GLN D 5 4.61 -9.79 -2.32
N THR D 6 4.28 -8.55 -2.67
CA THR D 6 2.88 -8.13 -2.73
C THR D 6 2.35 -8.17 -4.17
N ALA D 7 2.99 -7.44 -5.07
CA ALA D 7 2.56 -7.36 -6.46
C ALA D 7 2.55 -8.74 -7.12
ZN ZN E . -20.88 7.94 -0.18
ZN ZN F . -13.78 -0.28 -8.26
ZN ZN G . 19.58 -5.57 10.61
ZN ZN H . 16.88 -2.56 -2.81
#